data_8FAJ
#
_entry.id   8FAJ
#
_cell.length_a   73.564
_cell.length_b   74.638
_cell.length_c   97.608
_cell.angle_alpha   90.00
_cell.angle_beta   90.00
_cell.angle_gamma   90.00
#
_symmetry.space_group_name_H-M   'P 21 21 21'
#
loop_
_entity.id
_entity.type
_entity.pdbx_description
1 polymer Beta-lactamase
2 non-polymer '(5R)-3-{[(3S,5S)-5-(dimethylcarbamoyl)pyrrolidin-3-yl]sulfanyl}-5-[(2S,3R)-3-hydroxy-1-oxobutan-2-yl]-5-methyl-4,5-dihydro-1H-pyrrole-2-carboxylic acid'
3 non-polymer 'CALCIUM ION'
4 non-polymer 'CADMIUM ION'
5 non-polymer 'CHLORIDE ION'
6 water water
#
_entity_poly.entity_id   1
_entity_poly.type   'polypeptide(L)'
_entity_poly.pdbx_seq_one_letter_code
;MRVLALSAVFLVASIIGMPAVAKEWQENKSWNAHFTEHKSQGVVVLWNENKQQGFTNNLKRANQAFLPASTFKIPNSLIA
LDLGVVKDEHQVFKWDGQTRDIATWNRDHNLITAMKYSVVPVYQEFARQIGEARMSKMLHAFDYGNEDISGNVDSFWLDG
GIRISATEQISFLRKLYHNKLHVSERSQRIVKQAMLTEANGDYIIRAKTGYSTRIEPKIGWWVGWVELDDNVWFFAMNMD
MPTSDGLGLRQAITKEVLKQEKIIP
;
_entity_poly.pdbx_strand_id   A,B
#
loop_
_chem_comp.id
_chem_comp.type
_chem_comp.name
_chem_comp.formula
CA non-polymer 'CALCIUM ION' 'Ca 2'
CD non-polymer 'CADMIUM ION' 'Cd 2'
CL non-polymer 'CHLORIDE ION' 'Cl -1'
Y33 non-polymer '(5R)-3-{[(3S,5S)-5-(dimethylcarbamoyl)pyrrolidin-3-yl]sulfanyl}-5-[(2S,3R)-3-hydroxy-1-oxobutan-2-yl]-5-methyl-4,5-dihydro-1H-pyrrole-2-carboxylic acid' 'C17 H27 N3 O6 S'
#
# COMPACT_ATOMS: atom_id res chain seq x y z
N ALA A 22 17.41 -21.14 -13.98
CA ALA A 22 16.93 -19.92 -14.60
C ALA A 22 16.60 -20.18 -16.08
N LYS A 23 15.35 -19.95 -16.45
CA LYS A 23 14.95 -20.07 -17.85
C LYS A 23 15.63 -18.99 -18.70
N GLU A 24 15.92 -19.34 -19.95
CA GLU A 24 16.56 -18.38 -20.83
C GLU A 24 15.60 -17.22 -21.08
N TRP A 25 16.14 -16.00 -21.10
CA TRP A 25 15.32 -14.82 -21.32
C TRP A 25 14.74 -14.81 -22.73
N GLN A 26 13.54 -14.25 -22.87
CA GLN A 26 12.90 -14.14 -24.18
C GLN A 26 12.89 -12.69 -24.63
N GLU A 27 13.20 -12.49 -25.90
CA GLU A 27 13.40 -11.16 -26.45
C GLU A 27 12.21 -10.88 -27.35
N ASN A 28 11.38 -9.90 -26.96
CA ASN A 28 10.18 -9.53 -27.72
C ASN A 28 10.50 -8.22 -28.44
N LYS A 29 10.97 -8.34 -29.67
CA LYS A 29 11.39 -7.18 -30.45
C LYS A 29 10.24 -6.23 -30.79
N SER A 30 9.00 -6.72 -30.80
CA SER A 30 7.86 -5.83 -31.07
C SER A 30 7.75 -4.70 -30.05
N TRP A 31 8.31 -4.87 -28.84
CA TRP A 31 8.25 -3.79 -27.87
C TRP A 31 9.05 -2.56 -28.31
N ASN A 32 10.04 -2.75 -29.19
CA ASN A 32 10.81 -1.61 -29.70
C ASN A 32 9.90 -0.60 -30.39
N ALA A 33 8.77 -1.04 -30.95
CA ALA A 33 7.85 -0.10 -31.58
C ALA A 33 7.39 0.96 -30.60
N HIS A 34 7.28 0.63 -29.31
CA HIS A 34 6.89 1.65 -28.34
C HIS A 34 8.04 2.59 -28.01
N PHE A 35 9.28 2.21 -28.29
CA PHE A 35 10.38 3.18 -28.18
C PHE A 35 10.47 4.03 -29.45
N THR A 36 10.42 3.41 -30.62
CA THR A 36 10.60 4.18 -31.85
C THR A 36 9.42 5.11 -32.11
N GLU A 37 8.20 4.75 -31.67
CA GLU A 37 7.11 5.70 -31.89
C GLU A 37 7.29 6.99 -31.10
N HIS A 38 8.21 7.01 -30.14
CA HIS A 38 8.54 8.22 -29.38
C HIS A 38 9.93 8.74 -29.73
N LYS A 39 10.55 8.24 -30.79
CA LYS A 39 11.92 8.65 -31.16
C LYS A 39 12.88 8.44 -30.00
N SER A 40 12.66 7.34 -29.26
CA SER A 40 13.35 7.05 -28.01
C SER A 40 14.14 5.76 -28.11
N GLN A 41 15.06 5.55 -27.16
CA GLN A 41 15.92 4.38 -27.14
C GLN A 41 15.97 3.87 -25.71
N GLY A 42 15.69 2.59 -25.51
CA GLY A 42 15.72 2.10 -24.14
C GLY A 42 15.43 0.62 -24.05
N VAL A 43 15.24 0.16 -22.82
CA VAL A 43 14.94 -1.24 -22.56
C VAL A 43 13.84 -1.32 -21.51
N VAL A 44 12.89 -2.23 -21.75
CA VAL A 44 11.94 -2.66 -20.72
C VAL A 44 12.23 -4.12 -20.42
N VAL A 45 12.33 -4.46 -19.14
CA VAL A 45 12.49 -5.84 -18.71
C VAL A 45 11.30 -6.19 -17.83
N LEU A 46 10.65 -7.32 -18.11
CA LEU A 46 9.55 -7.83 -17.31
C LEU A 46 9.90 -9.22 -16.79
N TRP A 47 9.37 -9.56 -15.61
CA TRP A 47 9.56 -10.89 -15.03
C TRP A 47 8.21 -11.39 -14.52
N ASN A 48 7.71 -12.48 -15.09
CA ASN A 48 6.51 -13.14 -14.63
C ASN A 48 6.87 -14.06 -13.47
N GLU A 49 6.50 -13.68 -12.23
CA GLU A 49 6.93 -14.46 -11.07
C GLU A 49 6.39 -15.89 -11.10
N ASN A 50 5.12 -16.09 -11.46
CA ASN A 50 4.54 -17.42 -11.43
C ASN A 50 5.28 -18.37 -12.38
N LYS A 51 5.59 -17.88 -13.58
CA LYS A 51 6.24 -18.68 -14.62
C LYS A 51 7.76 -18.69 -14.46
N GLN A 52 8.30 -17.86 -13.57
CA GLN A 52 9.75 -17.61 -13.46
C GLN A 52 10.38 -17.41 -14.85
N GLN A 53 9.79 -16.48 -15.60
CA GLN A 53 10.16 -16.22 -16.99
C GLN A 53 10.38 -14.73 -17.18
N GLY A 54 11.53 -14.37 -17.74
CA GLY A 54 11.81 -12.98 -18.08
C GLY A 54 11.63 -12.68 -19.56
N PHE A 55 11.27 -11.43 -19.85
CA PHE A 55 11.05 -10.89 -21.18
C PHE A 55 11.71 -9.52 -21.30
N THR A 56 12.25 -9.21 -22.47
CA THR A 56 12.81 -7.89 -22.73
C THR A 56 12.78 -7.59 -24.22
N ASN A 57 12.83 -6.30 -24.58
CA ASN A 57 12.98 -5.94 -25.99
C ASN A 57 14.43 -5.94 -26.45
N ASN A 58 15.41 -5.93 -25.54
CA ASN A 58 16.80 -5.75 -25.95
C ASN A 58 17.66 -6.43 -24.88
N LEU A 59 18.11 -7.64 -25.18
CA LEU A 59 18.84 -8.42 -24.17
C LEU A 59 20.16 -7.76 -23.79
N LYS A 60 20.86 -7.20 -24.78
CA LYS A 60 22.11 -6.49 -24.51
C LYS A 60 21.91 -5.35 -23.54
N ARG A 61 20.98 -4.43 -23.84
CA ARG A 61 20.78 -3.30 -22.95
C ARG A 61 20.16 -3.73 -21.63
N ALA A 62 19.39 -4.82 -21.61
CA ALA A 62 18.82 -5.31 -20.35
C ALA A 62 19.92 -5.60 -19.33
N ASN A 63 21.09 -5.99 -19.82
CA ASN A 63 22.21 -6.38 -18.99
C ASN A 63 23.28 -5.28 -18.90
N GLN A 64 23.02 -4.11 -19.46
CA GLN A 64 23.96 -2.99 -19.37
C GLN A 64 23.77 -2.25 -18.04
N ALA A 65 24.87 -2.02 -17.31
CA ALA A 65 24.74 -1.40 -16.00
C ALA A 65 24.89 0.12 -16.07
N PHE A 66 24.05 0.83 -15.32
CA PHE A 66 24.01 2.29 -15.25
C PHE A 66 24.05 2.72 -13.81
N LEU A 67 24.31 4.02 -13.57
CA LEU A 67 24.12 4.58 -12.25
C LEU A 67 22.66 4.38 -11.81
N PRO A 68 22.40 3.96 -10.57
CA PRO A 68 21.01 3.81 -10.12
C PRO A 68 20.30 5.13 -9.90
N ALA A 69 21.04 6.21 -9.61
CA ALA A 69 20.43 7.50 -9.29
C ALA A 69 19.36 7.28 -8.22
N SER A 70 18.18 7.91 -8.38
CA SER A 70 17.18 7.89 -7.31
C SER A 70 16.60 6.51 -7.05
N THR A 71 16.79 5.54 -7.94
CA THR A 71 16.33 4.19 -7.61
C THR A 71 17.13 3.60 -6.45
N PHE A 72 18.30 4.18 -6.15
CA PHE A 72 19.07 3.76 -4.98
C PHE A 72 18.35 4.07 -3.68
N LYS A 73 17.32 4.92 -3.71
CA LYS A 73 16.55 5.17 -2.49
C LYS A 73 15.97 3.89 -1.93
N ILE A 74 15.74 2.86 -2.75
CA ILE A 74 15.19 1.61 -2.24
C ILE A 74 16.22 0.94 -1.33
N PRO A 75 17.44 0.57 -1.77
CA PRO A 75 18.38 -0.04 -0.81
C PRO A 75 18.81 0.92 0.29
N ASN A 76 18.92 2.21 0.00
CA ASN A 76 19.31 3.18 1.04
C ASN A 76 18.28 3.19 2.17
N SER A 77 16.99 3.24 1.82
CA SER A 77 15.92 3.15 2.81
C SER A 77 16.05 1.89 3.66
N LEU A 78 16.27 0.74 2.99
CA LEU A 78 16.32 -0.54 3.71
C LEU A 78 17.42 -0.54 4.75
N ILE A 79 18.61 -0.08 4.35
CA ILE A 79 19.77 -0.09 5.24
C ILE A 79 19.57 0.89 6.38
N ALA A 80 19.05 2.09 6.07
CA ALA A 80 18.81 3.08 7.11
C ALA A 80 17.83 2.54 8.16
N LEU A 81 16.77 1.84 7.71
CA LEU A 81 15.82 1.28 8.66
C LEU A 81 16.44 0.16 9.46
N ASP A 82 17.17 -0.75 8.79
CA ASP A 82 17.75 -1.89 9.49
C ASP A 82 18.73 -1.45 10.57
N LEU A 83 19.47 -0.37 10.33
CA LEU A 83 20.48 0.11 11.28
C LEU A 83 19.91 1.12 12.29
N GLY A 84 18.64 1.48 12.18
CA GLY A 84 18.05 2.41 13.13
C GLY A 84 18.34 3.87 12.84
N VAL A 85 18.96 4.16 11.70
CA VAL A 85 19.12 5.55 11.27
C VAL A 85 17.75 6.19 11.10
N VAL A 86 16.79 5.42 10.59
CA VAL A 86 15.38 5.79 10.50
C VAL A 86 14.61 4.89 11.45
N LYS A 87 13.94 5.47 12.44
CA LYS A 87 13.18 4.67 13.41
C LYS A 87 11.94 4.06 12.79
N ASP A 88 11.17 4.85 12.05
CA ASP A 88 10.04 4.29 11.29
C ASP A 88 9.65 5.27 10.19
N GLU A 89 8.54 4.97 9.53
CA GLU A 89 8.11 5.77 8.40
C GLU A 89 7.41 7.07 8.81
N HIS A 90 7.24 7.34 10.10
CA HIS A 90 6.69 8.60 10.58
C HIS A 90 7.72 9.56 11.17
N GLN A 91 8.94 9.10 11.41
CA GLN A 91 9.99 9.98 11.92
C GLN A 91 10.21 11.14 10.96
N VAL A 92 10.31 12.36 11.50
CA VAL A 92 10.39 13.56 10.69
C VAL A 92 11.85 13.97 10.54
N PHE A 93 12.27 14.19 9.31
CA PHE A 93 13.59 14.71 9.01
C PHE A 93 13.43 16.18 8.67
N LYS A 94 13.96 17.05 9.52
CA LYS A 94 13.78 18.48 9.37
C LYS A 94 14.49 19.00 8.13
N TRP A 95 13.82 19.91 7.42
CA TRP A 95 14.48 20.66 6.37
C TRP A 95 15.71 21.36 6.95
N ASP A 96 16.83 21.27 6.23
CA ASP A 96 18.04 21.96 6.67
C ASP A 96 18.00 23.44 6.36
N GLY A 97 16.94 23.94 5.72
CA GLY A 97 16.77 25.35 5.49
C GLY A 97 17.40 25.87 4.20
N GLN A 98 18.18 25.06 3.50
CA GLN A 98 18.71 25.47 2.21
C GLN A 98 17.63 25.35 1.16
N THR A 99 17.37 26.45 0.46
CA THR A 99 16.38 26.44 -0.60
C THR A 99 16.97 25.81 -1.85
N ARG A 100 16.35 24.72 -2.31
CA ARG A 100 16.77 24.03 -3.52
C ARG A 100 15.70 24.19 -4.59
N ASP A 101 16.05 23.81 -5.82
CA ASP A 101 15.19 24.12 -6.96
C ASP A 101 13.91 23.29 -7.00
N ILE A 102 13.88 22.12 -6.38
CA ILE A 102 12.65 21.33 -6.33
C ILE A 102 11.91 21.75 -5.07
N ALA A 103 10.78 22.44 -5.25
CA ALA A 103 10.13 23.11 -4.13
C ALA A 103 9.66 22.12 -3.06
N THR A 104 9.25 20.92 -3.47
CA THR A 104 8.77 19.95 -2.50
C THR A 104 9.87 19.47 -1.57
N TRP A 105 11.14 19.69 -1.92
CA TRP A 105 12.25 19.35 -1.05
C TRP A 105 12.43 20.33 0.10
N ASN A 106 11.81 21.52 0.01
CA ASN A 106 12.08 22.60 0.96
C ASN A 106 11.09 22.60 2.12
N ARG A 107 11.04 21.46 2.81
CA ARG A 107 10.11 21.25 3.92
C ARG A 107 10.55 20.01 4.67
N ASP A 108 9.91 19.78 5.81
CA ASP A 108 10.15 18.57 6.58
C ASP A 108 9.54 17.38 5.84
N HIS A 109 10.14 16.20 6.06
CA HIS A 109 9.70 14.99 5.38
C HIS A 109 9.81 13.80 6.32
N ASN A 110 8.99 12.78 6.05
CA ASN A 110 9.19 11.46 6.62
C ASN A 110 9.57 10.52 5.49
N LEU A 111 9.73 9.24 5.82
CA LEU A 111 10.20 8.30 4.80
C LEU A 111 9.22 8.22 3.62
N ILE A 112 7.93 8.28 3.91
CA ILE A 112 6.91 8.16 2.86
C ILE A 112 7.01 9.31 1.87
N THR A 113 6.97 10.55 2.38
CA THR A 113 7.04 11.68 1.46
C THR A 113 8.45 11.88 0.91
N ALA A 114 9.50 11.44 1.62
CA ALA A 114 10.84 11.56 1.05
C ALA A 114 11.00 10.66 -0.17
N MET A 115 10.39 9.48 -0.13
CA MET A 115 10.37 8.61 -1.29
C MET A 115 9.49 9.18 -2.41
N LYS A 116 8.28 9.60 -2.06
CA LYS A 116 7.32 10.08 -3.06
C LYS A 116 7.85 11.27 -3.84
N TYR A 117 8.52 12.21 -3.18
CA TYR A 117 9.10 13.38 -3.83
C TYR A 117 10.59 13.24 -4.10
N SER A 118 11.15 12.05 -3.87
CA SER A 118 12.53 11.73 -4.23
C SER A 118 13.49 12.78 -3.66
N VAL A 119 13.36 13.03 -2.37
CA VAL A 119 14.10 14.09 -1.68
C VAL A 119 15.54 13.66 -1.44
N VAL A 120 16.43 13.98 -2.39
CA VAL A 120 17.83 13.58 -2.29
C VAL A 120 18.50 14.02 -0.99
N PRO A 121 18.37 15.27 -0.53
CA PRO A 121 19.14 15.67 0.67
C PRO A 121 18.84 14.81 1.88
N VAL A 122 17.61 14.35 2.02
CA VAL A 122 17.26 13.47 3.13
C VAL A 122 18.03 12.16 3.04
N TYR A 123 18.13 11.60 1.81
CA TYR A 123 18.83 10.33 1.61
C TYR A 123 20.34 10.50 1.65
N GLN A 124 20.85 11.68 1.32
CA GLN A 124 22.28 11.91 1.48
C GLN A 124 22.67 11.87 2.95
N GLU A 125 21.82 12.44 3.82
CA GLU A 125 22.08 12.35 5.25
C GLU A 125 22.00 10.90 5.74
N PHE A 126 21.02 10.13 5.25
CA PHE A 126 20.98 8.69 5.59
C PHE A 126 22.30 8.02 5.28
N ALA A 127 22.81 8.23 4.05
CA ALA A 127 24.02 7.55 3.62
C ALA A 127 25.22 7.95 4.49
N ARG A 128 25.34 9.23 4.81
CA ARG A 128 26.43 9.67 5.69
C ARG A 128 26.35 8.99 7.04
N GLN A 129 25.15 8.86 7.60
CA GLN A 129 24.99 8.22 8.91
C GLN A 129 25.28 6.72 8.85
N ILE A 130 24.80 6.04 7.79
CA ILE A 130 25.15 4.65 7.55
C ILE A 130 26.66 4.50 7.50
N GLY A 131 27.32 5.31 6.67
CA GLY A 131 28.77 5.29 6.59
C GLY A 131 29.29 4.26 5.60
N GLU A 132 30.56 4.45 5.22
CA GLU A 132 31.14 3.72 4.09
C GLU A 132 31.19 2.21 4.38
N ALA A 133 31.67 1.84 5.57
CA ALA A 133 31.89 0.43 5.88
C ALA A 133 30.58 -0.34 5.91
N ARG A 134 29.58 0.18 6.62
CA ARG A 134 28.30 -0.51 6.71
C ARG A 134 27.57 -0.49 5.39
N MET A 135 27.75 0.57 4.60
CA MET A 135 26.98 0.58 3.37
C MET A 135 27.60 -0.39 2.39
N SER A 136 28.94 -0.52 2.40
CA SER A 136 29.57 -1.51 1.54
C SER A 136 29.19 -2.93 1.96
N LYS A 137 29.23 -3.24 3.27
CA LYS A 137 28.83 -4.58 3.73
C LYS A 137 27.41 -4.90 3.31
N MET A 138 26.52 -3.92 3.41
CA MET A 138 25.11 -4.23 3.19
C MET A 138 24.86 -4.43 1.70
N LEU A 139 25.50 -3.62 0.86
CA LEU A 139 25.32 -3.78 -0.57
C LEU A 139 25.97 -5.07 -1.07
N HIS A 140 27.02 -5.54 -0.43
CA HIS A 140 27.54 -6.84 -0.81
C HIS A 140 26.56 -7.91 -0.36
N ALA A 141 25.99 -7.78 0.82
CA ALA A 141 24.99 -8.77 1.27
C ALA A 141 23.79 -8.82 0.35
N PHE A 142 23.40 -7.69 -0.21
CA PHE A 142 22.29 -7.61 -1.15
C PHE A 142 22.66 -8.09 -2.54
N ASP A 143 23.95 -8.22 -2.83
CA ASP A 143 24.44 -8.39 -4.21
C ASP A 143 23.89 -7.30 -5.13
N TYR A 144 23.97 -6.05 -4.67
CA TYR A 144 23.35 -4.94 -5.40
C TYR A 144 24.27 -4.46 -6.52
N GLY A 145 23.88 -4.72 -7.77
CA GLY A 145 24.68 -4.25 -8.91
C GLY A 145 26.13 -4.69 -8.80
N ASN A 146 27.06 -3.78 -9.04
CA ASN A 146 28.48 -4.13 -8.96
C ASN A 146 29.06 -3.93 -7.55
N GLU A 147 28.22 -3.59 -6.57
CA GLU A 147 28.60 -3.41 -5.16
C GLU A 147 29.83 -2.52 -4.97
N ASP A 148 30.00 -1.54 -5.83
CA ASP A 148 31.15 -0.64 -5.83
C ASP A 148 30.68 0.73 -5.37
N ILE A 149 31.14 1.17 -4.18
CA ILE A 149 30.65 2.45 -3.68
C ILE A 149 31.74 3.51 -3.70
N SER A 150 32.69 3.40 -4.63
CA SER A 150 33.76 4.39 -4.67
C SER A 150 33.20 5.76 -5.01
N GLY A 151 33.85 6.79 -4.49
CA GLY A 151 33.33 8.13 -4.57
C GLY A 151 32.92 8.62 -3.18
N ASN A 152 32.17 9.70 -3.17
CA ASN A 152 31.71 10.27 -1.92
C ASN A 152 30.61 9.41 -1.31
N VAL A 153 30.69 9.21 0.00
CA VAL A 153 29.72 8.34 0.67
C VAL A 153 28.30 8.86 0.49
N ASP A 154 28.13 10.16 0.25
CA ASP A 154 26.80 10.73 0.10
C ASP A 154 26.46 11.06 -1.34
N SER A 155 27.21 10.52 -2.32
CA SER A 155 26.79 10.71 -3.71
C SER A 155 27.26 9.60 -4.66
N PHE A 156 27.76 8.45 -4.17
CA PHE A 156 28.35 7.47 -5.07
C PHE A 156 27.33 6.89 -6.04
N TRP A 157 26.05 6.87 -5.66
CA TRP A 157 24.99 6.39 -6.55
C TRP A 157 24.52 7.44 -7.55
N LEU A 158 25.06 8.65 -7.47
CA LEU A 158 24.82 9.74 -8.39
C LEU A 158 26.01 10.02 -9.28
N ASP A 159 27.23 9.94 -8.73
CA ASP A 159 28.38 10.26 -9.56
C ASP A 159 29.61 9.44 -9.17
N GLY A 160 29.45 8.34 -8.44
CA GLY A 160 30.55 7.47 -8.09
C GLY A 160 30.56 6.17 -8.86
N GLY A 161 31.00 5.08 -8.24
CA GLY A 161 31.29 3.88 -9.01
C GLY A 161 30.20 2.82 -9.10
N ILE A 162 29.08 2.98 -8.41
CA ILE A 162 28.07 1.92 -8.38
C ILE A 162 27.32 1.89 -9.71
N ARG A 163 27.09 0.68 -10.20
CA ARG A 163 26.35 0.48 -11.45
C ARG A 163 25.41 -0.70 -11.27
N ILE A 164 24.24 -0.63 -11.90
CA ILE A 164 23.29 -1.73 -11.84
C ILE A 164 22.54 -1.78 -13.18
N SER A 165 22.30 -3.01 -13.67
CA SER A 165 21.52 -3.21 -14.87
C SER A 165 20.04 -3.42 -14.57
N ALA A 166 19.20 -3.33 -15.62
CA ALA A 166 17.78 -3.60 -15.44
C ALA A 166 17.52 -5.02 -14.93
N THR A 167 18.26 -6.02 -15.43
CA THR A 167 18.02 -7.38 -14.94
C THR A 167 18.47 -7.51 -13.48
N GLU A 168 19.56 -6.83 -13.12
CA GLU A 168 20.00 -6.80 -11.74
C GLU A 168 18.99 -6.10 -10.82
N GLN A 169 18.32 -5.04 -11.32
CA GLN A 169 17.23 -4.45 -10.54
C GLN A 169 16.13 -5.46 -10.28
N ILE A 170 15.75 -6.24 -11.29
CA ILE A 170 14.73 -7.27 -11.12
C ILE A 170 15.15 -8.25 -10.03
N SER A 171 16.39 -8.73 -10.09
CA SER A 171 16.86 -9.72 -9.11
C SER A 171 16.75 -9.17 -7.70
N PHE A 172 17.19 -7.94 -7.51
CA PHE A 172 17.13 -7.29 -6.20
C PHE A 172 15.68 -7.10 -5.75
N LEU A 173 14.82 -6.63 -6.66
CA LEU A 173 13.42 -6.39 -6.30
C LEU A 173 12.71 -7.68 -5.95
N ARG A 174 13.03 -8.78 -6.64
CA ARG A 174 12.43 -10.07 -6.30
C ARG A 174 12.76 -10.46 -4.86
N LYS A 175 14.01 -10.30 -4.45
CA LYS A 175 14.38 -10.58 -3.06
C LYS A 175 13.59 -9.70 -2.09
N LEU A 176 13.47 -8.41 -2.40
CA LEU A 176 12.71 -7.52 -1.54
C LEU A 176 11.25 -7.99 -1.43
N TYR A 177 10.63 -8.31 -2.57
CA TYR A 177 9.23 -8.74 -2.55
C TYR A 177 9.02 -9.93 -1.60
N HIS A 178 9.97 -10.88 -1.60
CA HIS A 178 9.87 -12.09 -0.80
C HIS A 178 10.50 -11.95 0.59
N ASN A 179 10.88 -10.74 1.01
CA ASN A 179 11.53 -10.52 2.30
C ASN A 179 12.80 -11.34 2.46
N LYS A 180 13.52 -11.52 1.37
CA LYS A 180 14.71 -12.35 1.37
C LYS A 180 16.01 -11.57 1.56
N LEU A 181 15.98 -10.24 1.54
CA LEU A 181 17.22 -9.50 1.71
C LEU A 181 17.72 -9.63 3.15
N HIS A 182 19.03 -9.43 3.32
CA HIS A 182 19.67 -9.66 4.61
C HIS A 182 19.47 -8.44 5.52
N VAL A 183 18.20 -8.05 5.69
CA VAL A 183 17.77 -7.06 6.66
C VAL A 183 16.51 -7.61 7.31
N SER A 184 16.00 -6.90 8.32
CA SER A 184 14.83 -7.40 9.01
C SER A 184 13.63 -7.44 8.08
N GLU A 185 12.73 -8.39 8.35
CA GLU A 185 11.44 -8.39 7.65
C GLU A 185 10.75 -7.03 7.79
N ARG A 186 10.80 -6.44 8.99
CA ARG A 186 10.13 -5.17 9.22
C ARG A 186 10.66 -4.08 8.29
N SER A 187 11.99 -3.99 8.12
CA SER A 187 12.56 -2.98 7.23
CA SER A 187 12.54 -2.97 7.23
C SER A 187 12.05 -3.16 5.81
N GLN A 188 11.96 -4.41 5.36
CA GLN A 188 11.47 -4.68 4.01
C GLN A 188 9.99 -4.32 3.87
N ARG A 189 9.18 -4.63 4.87
CA ARG A 189 7.75 -4.26 4.82
C ARG A 189 7.57 -2.75 4.78
N ILE A 190 8.33 -2.01 5.60
CA ILE A 190 8.22 -0.56 5.58
C ILE A 190 8.61 0.01 4.22
N VAL A 191 9.71 -0.49 3.63
CA VAL A 191 10.13 0.05 2.34
C VAL A 191 9.11 -0.25 1.24
N LYS A 192 8.55 -1.46 1.24
CA LYS A 192 7.55 -1.77 0.23
C LYS A 192 6.32 -0.86 0.37
N GLN A 193 5.96 -0.52 1.60
CA GLN A 193 4.89 0.47 1.83
C GLN A 193 5.28 1.83 1.23
N ALA A 194 6.52 2.28 1.50
CA ALA A 194 6.98 3.55 0.95
C ALA A 194 7.09 3.54 -0.57
N MET A 195 7.21 2.39 -1.19
CA MET A 195 7.26 2.33 -2.64
C MET A 195 5.87 2.38 -3.31
N LEU A 196 4.80 2.33 -2.54
CA LEU A 196 3.47 2.37 -3.13
C LEU A 196 3.30 3.58 -4.05
N THR A 197 2.94 3.32 -5.31
CA THR A 197 2.77 4.38 -6.29
C THR A 197 1.34 4.53 -6.76
N GLU A 198 0.66 3.42 -7.02
CA GLU A 198 -0.65 3.37 -7.67
C GLU A 198 -1.41 2.18 -7.10
N ALA A 199 -2.69 2.34 -6.82
CA ALA A 199 -3.49 1.17 -6.48
C ALA A 199 -4.93 1.44 -6.86
N ASN A 200 -5.56 0.43 -7.47
CA ASN A 200 -6.95 0.48 -7.88
C ASN A 200 -7.50 -0.94 -7.77
N GLY A 201 -8.74 -1.15 -8.23
CA GLY A 201 -9.31 -2.47 -8.10
C GLY A 201 -8.76 -3.50 -9.04
N ASP A 202 -7.87 -3.10 -9.95
CA ASP A 202 -7.25 -3.97 -10.95
C ASP A 202 -5.82 -4.34 -10.59
N TYR A 203 -5.05 -3.43 -9.98
CA TYR A 203 -3.66 -3.77 -9.70
C TYR A 203 -3.08 -2.79 -8.69
N ILE A 204 -1.91 -3.16 -8.18
CA ILE A 204 -1.10 -2.32 -7.29
C ILE A 204 0.28 -2.19 -7.92
N ILE A 205 0.81 -0.97 -7.98
CA ILE A 205 2.20 -0.76 -8.42
C ILE A 205 3.01 -0.21 -7.27
N ARG A 206 4.12 -0.88 -6.97
CA ARG A 206 5.13 -0.40 -6.04
C ARG A 206 6.40 -0.21 -6.86
N ALA A 207 6.98 0.99 -6.81
CA ALA A 207 8.00 1.32 -7.80
C ALA A 207 8.76 2.57 -7.38
N LYS A 208 9.87 2.81 -8.07
CA LYS A 208 10.65 4.03 -7.90
C LYS A 208 11.14 4.53 -9.25
N THR A 209 10.93 5.82 -9.52
CA THR A 209 11.47 6.50 -10.69
C THR A 209 12.89 6.97 -10.45
N GLY A 210 13.61 7.22 -11.54
CA GLY A 210 14.94 7.79 -11.43
C GLY A 210 15.30 8.59 -12.66
N TYR A 211 16.24 9.51 -12.46
CA TYR A 211 16.68 10.39 -13.55
C TYR A 211 18.14 10.74 -13.25
N SER A 212 19.04 10.10 -13.97
CA SER A 212 20.48 10.26 -13.74
C SER A 212 21.01 11.39 -14.62
N THR A 213 21.48 12.48 -13.99
CA THR A 213 21.89 13.68 -14.73
C THR A 213 23.34 14.09 -14.52
N ARG A 214 24.06 13.52 -13.55
CA ARG A 214 25.39 14.02 -13.22
C ARG A 214 26.47 13.54 -14.18
N ILE A 215 26.33 12.34 -14.74
CA ILE A 215 27.31 11.75 -15.65
C ILE A 215 26.57 11.17 -16.84
N GLU A 216 27.13 11.38 -18.04
CA GLU A 216 26.55 10.80 -19.24
C GLU A 216 26.72 9.28 -19.20
N PRO A 217 25.81 8.53 -19.84
CA PRO A 217 24.61 9.01 -20.56
C PRO A 217 23.51 9.36 -19.56
N LYS A 218 22.86 10.50 -19.73
CA LYS A 218 21.70 10.79 -18.90
C LYS A 218 20.59 9.79 -19.24
N ILE A 219 20.01 9.16 -18.22
CA ILE A 219 18.99 8.14 -18.46
C ILE A 219 17.86 8.32 -17.47
N GLY A 220 16.71 7.79 -17.85
CA GLY A 220 15.57 7.66 -16.94
C GLY A 220 15.38 6.20 -16.54
N TRP A 221 14.87 6.00 -15.33
CA TRP A 221 14.58 4.69 -14.77
C TRP A 221 13.14 4.63 -14.29
N TRP A 222 12.55 3.43 -14.35
CA TRP A 222 11.39 3.08 -13.53
C TRP A 222 11.53 1.61 -13.19
N VAL A 223 11.60 1.28 -11.89
CA VAL A 223 11.75 -0.10 -11.45
C VAL A 223 10.72 -0.38 -10.36
N GLY A 224 10.21 -1.59 -10.36
CA GLY A 224 9.20 -1.93 -9.35
C GLY A 224 8.47 -3.22 -9.73
N TRP A 225 7.21 -3.31 -9.30
CA TRP A 225 6.40 -4.45 -9.71
C TRP A 225 4.92 -4.10 -9.69
N VAL A 226 4.15 -4.96 -10.36
CA VAL A 226 2.70 -4.86 -10.47
C VAL A 226 2.12 -6.08 -9.75
N GLU A 227 1.37 -5.85 -8.69
CA GLU A 227 0.75 -6.94 -7.94
C GLU A 227 -0.63 -7.19 -8.55
N LEU A 228 -0.87 -8.41 -9.04
CA LEU A 228 -2.20 -8.80 -9.50
C LEU A 228 -2.83 -9.69 -8.45
N ASP A 229 -4.10 -10.07 -8.66
CA ASP A 229 -4.74 -11.00 -7.74
C ASP A 229 -3.98 -12.32 -7.64
N ASP A 230 -3.41 -12.77 -8.76
CA ASP A 230 -2.95 -14.14 -8.89
C ASP A 230 -1.49 -14.25 -9.30
N ASN A 231 -0.79 -13.13 -9.44
CA ASN A 231 0.57 -13.13 -9.96
C ASN A 231 1.22 -11.81 -9.58
N VAL A 232 2.54 -11.77 -9.70
CA VAL A 232 3.28 -10.53 -9.61
C VAL A 232 4.13 -10.43 -10.87
N TRP A 233 4.15 -9.26 -11.49
CA TRP A 233 5.02 -8.95 -12.62
C TRP A 233 6.04 -7.90 -12.21
N PHE A 234 7.31 -8.30 -12.15
CA PHE A 234 8.39 -7.34 -11.89
C PHE A 234 8.76 -6.61 -13.16
N PHE A 235 9.21 -5.36 -13.01
CA PHE A 235 9.63 -4.59 -14.18
C PHE A 235 10.82 -3.70 -13.84
N ALA A 236 11.65 -3.45 -14.86
CA ALA A 236 12.71 -2.48 -14.76
C ALA A 236 12.94 -1.94 -16.16
N MET A 237 12.90 -0.61 -16.30
CA MET A 237 13.11 0.00 -17.59
C MET A 237 14.15 1.10 -17.42
N ASN A 238 14.95 1.31 -18.45
CA ASN A 238 15.69 2.56 -18.54
C ASN A 238 15.73 3.01 -19.98
N MET A 239 16.01 4.29 -20.18
CA MET A 239 15.94 4.86 -21.50
C MET A 239 16.77 6.13 -21.52
N ASP A 240 17.40 6.40 -22.65
CA ASP A 240 18.13 7.66 -22.78
C ASP A 240 17.21 8.85 -22.56
N MET A 241 17.71 9.83 -21.82
CA MET A 241 17.01 11.04 -21.40
C MET A 241 17.83 12.30 -21.68
N PRO A 242 18.03 12.65 -22.96
CA PRO A 242 18.82 13.86 -23.26
C PRO A 242 18.19 15.13 -22.74
N THR A 243 16.86 15.20 -22.66
CA THR A 243 16.17 16.33 -22.06
C THR A 243 15.09 15.83 -21.12
N SER A 244 14.73 16.68 -20.17
CA SER A 244 13.66 16.37 -19.23
C SER A 244 12.30 16.23 -19.91
N ASP A 245 12.15 16.67 -21.16
CA ASP A 245 10.84 16.58 -21.80
C ASP A 245 10.40 15.15 -22.03
N GLY A 246 11.31 14.19 -21.95
CA GLY A 246 10.86 12.83 -22.15
C GLY A 246 10.57 12.08 -20.88
N LEU A 247 10.56 12.74 -19.72
CA LEU A 247 10.50 11.99 -18.46
C LEU A 247 9.20 11.18 -18.34
N GLY A 248 8.10 11.64 -18.92
CA GLY A 248 6.87 10.89 -18.76
C GLY A 248 6.89 9.55 -19.46
N LEU A 249 7.81 9.37 -20.42
CA LEU A 249 7.89 8.09 -21.14
C LEU A 249 8.39 6.97 -20.27
N ARG A 250 9.03 7.27 -19.13
CA ARG A 250 9.45 6.19 -18.23
C ARG A 250 8.25 5.35 -17.82
N GLN A 251 7.18 6.01 -17.33
CA GLN A 251 5.97 5.27 -16.97
C GLN A 251 5.15 4.92 -18.19
N ALA A 252 5.07 5.81 -19.18
CA ALA A 252 4.15 5.60 -20.30
C ALA A 252 4.58 4.41 -21.16
N ILE A 253 5.88 4.30 -21.46
CA ILE A 253 6.33 3.17 -22.28
C ILE A 253 6.15 1.87 -21.51
N THR A 254 6.49 1.86 -20.21
CA THR A 254 6.28 0.65 -19.41
C THR A 254 4.82 0.23 -19.43
N LYS A 255 3.89 1.19 -19.21
CA LYS A 255 2.47 0.83 -19.14
C LYS A 255 1.95 0.34 -20.48
N GLU A 256 2.44 0.87 -21.58
CA GLU A 256 1.88 0.38 -22.83
C GLU A 256 2.44 -1.00 -23.17
N VAL A 257 3.66 -1.33 -22.70
CA VAL A 257 4.14 -2.70 -22.78
C VAL A 257 3.31 -3.62 -21.89
N LEU A 258 3.01 -3.19 -20.65
CA LEU A 258 2.17 -3.99 -19.78
C LEU A 258 0.80 -4.22 -20.41
N LYS A 259 0.25 -3.18 -21.03
CA LYS A 259 -1.06 -3.32 -21.67
C LYS A 259 -0.98 -4.24 -22.88
N GLN A 260 0.10 -4.15 -23.66
CA GLN A 260 0.25 -4.99 -24.84
C GLN A 260 0.22 -6.47 -24.45
N GLU A 261 0.89 -6.81 -23.34
CA GLU A 261 0.94 -8.17 -22.83
C GLU A 261 -0.31 -8.54 -22.01
N LYS A 262 -1.31 -7.67 -21.97
CA LYS A 262 -2.57 -7.90 -21.23
C LYS A 262 -2.32 -8.12 -19.75
N ILE A 263 -1.29 -7.50 -19.21
CA ILE A 263 -1.02 -7.62 -17.78
C ILE A 263 -1.90 -6.67 -17.00
N ILE A 264 -2.09 -5.45 -17.49
CA ILE A 264 -3.06 -4.52 -16.93
C ILE A 264 -4.08 -4.17 -18.00
N PRO A 265 -5.32 -3.83 -17.64
CA PRO A 265 -6.29 -3.39 -18.66
C PRO A 265 -5.91 -2.02 -19.17
N GLU B 24 -12.82 17.80 20.39
CA GLU B 24 -14.11 17.23 20.74
C GLU B 24 -14.84 16.79 19.44
N TRP B 25 -16.10 17.18 19.27
CA TRP B 25 -16.91 16.71 18.15
C TRP B 25 -17.83 17.84 17.69
N GLN B 26 -17.93 18.02 16.39
CA GLN B 26 -18.69 19.13 15.80
C GLN B 26 -19.72 18.59 14.82
N GLU B 27 -20.99 18.94 15.03
CA GLU B 27 -22.03 18.62 14.06
C GLU B 27 -22.00 19.63 12.92
N ASN B 28 -21.92 19.13 11.70
CA ASN B 28 -21.98 19.97 10.51
C ASN B 28 -23.18 19.44 9.73
N LYS B 29 -24.34 20.05 9.95
CA LYS B 29 -25.57 19.49 9.39
C LYS B 29 -25.70 19.72 7.89
N SER B 30 -24.90 20.61 7.31
CA SER B 30 -24.95 20.80 5.86
C SER B 30 -24.56 19.55 5.10
N TRP B 31 -23.84 18.61 5.74
CA TRP B 31 -23.55 17.34 5.10
C TRP B 31 -24.80 16.51 4.88
N ASN B 32 -25.86 16.74 5.68
CA ASN B 32 -27.09 16.00 5.46
C ASN B 32 -27.57 16.11 4.02
N ALA B 33 -27.27 17.23 3.36
CA ALA B 33 -27.67 17.42 1.97
C ALA B 33 -27.16 16.30 1.06
N HIS B 34 -25.96 15.78 1.35
CA HIS B 34 -25.38 14.73 0.50
C HIS B 34 -26.17 13.43 0.61
N PHE B 35 -26.79 13.17 1.76
CA PHE B 35 -27.70 12.03 1.87
C PHE B 35 -29.03 12.34 1.21
N THR B 36 -29.56 13.55 1.43
CA THR B 36 -30.84 13.95 0.87
C THR B 36 -30.80 13.98 -0.66
N GLU B 37 -29.72 14.52 -1.22
CA GLU B 37 -29.39 14.43 -2.64
C GLU B 37 -29.71 13.07 -3.24
N HIS B 38 -29.27 12.01 -2.56
CA HIS B 38 -29.43 10.65 -3.05
C HIS B 38 -30.58 9.92 -2.36
N LYS B 39 -31.52 10.65 -1.78
CA LYS B 39 -32.71 10.10 -1.11
C LYS B 39 -32.34 9.02 -0.09
N SER B 40 -31.31 9.31 0.71
CA SER B 40 -30.78 8.34 1.66
C SER B 40 -30.74 8.93 3.06
N GLN B 41 -30.45 8.07 4.03
CA GLN B 41 -30.27 8.46 5.43
C GLN B 41 -29.03 7.76 5.98
N GLY B 42 -28.18 8.51 6.67
CA GLY B 42 -27.00 7.88 7.24
C GLY B 42 -26.15 8.88 7.98
N VAL B 43 -24.93 8.47 8.28
CA VAL B 43 -23.98 9.31 9.00
C VAL B 43 -22.61 9.16 8.37
N VAL B 44 -21.90 10.27 8.25
CA VAL B 44 -20.46 10.27 7.99
C VAL B 44 -19.78 10.89 9.20
N VAL B 45 -18.73 10.24 9.67
CA VAL B 45 -17.91 10.70 10.78
C VAL B 45 -16.49 10.87 10.26
N LEU B 46 -15.88 12.03 10.50
CA LEU B 46 -14.51 12.32 10.09
C LEU B 46 -13.69 12.70 11.30
N TRP B 47 -12.42 12.29 11.32
CA TRP B 47 -11.50 12.66 12.40
C TRP B 47 -10.21 13.19 11.79
N ASN B 48 -9.89 14.44 12.10
CA ASN B 48 -8.67 15.10 11.65
C ASN B 48 -7.57 14.78 12.66
N GLU B 49 -6.60 13.95 12.25
CA GLU B 49 -5.66 13.47 13.26
C GLU B 49 -4.77 14.58 13.78
N ASN B 50 -4.28 15.46 12.89
CA ASN B 50 -3.42 16.57 13.31
C ASN B 50 -4.11 17.46 14.33
N LYS B 51 -5.38 17.75 14.10
CA LYS B 51 -6.08 18.72 14.93
C LYS B 51 -6.80 18.08 16.11
N GLN B 52 -6.81 16.75 16.18
CA GLN B 52 -7.58 15.99 17.18
C GLN B 52 -9.02 16.53 17.28
N GLN B 53 -9.68 16.63 16.12
CA GLN B 53 -11.05 17.12 16.05
C GLN B 53 -11.88 16.18 15.18
N GLY B 54 -13.11 15.96 15.59
CA GLY B 54 -14.03 15.16 14.81
C GLY B 54 -15.20 15.96 14.27
N PHE B 55 -15.79 15.48 13.18
CA PHE B 55 -16.94 16.14 12.53
C PHE B 55 -17.92 15.08 12.06
N THR B 56 -19.20 15.45 12.02
CA THR B 56 -20.22 14.51 11.62
C THR B 56 -21.47 15.30 11.27
N ASN B 57 -22.35 14.68 10.47
CA ASN B 57 -23.64 15.30 10.20
C ASN B 57 -24.69 14.98 11.27
N ASN B 58 -24.41 14.04 12.18
CA ASN B 58 -25.47 13.56 13.07
C ASN B 58 -24.80 12.88 14.28
N LEU B 59 -24.66 13.60 15.41
CA LEU B 59 -24.03 12.96 16.57
C LEU B 59 -24.79 11.74 17.04
N LYS B 60 -26.13 11.81 17.05
CA LYS B 60 -26.93 10.67 17.48
C LYS B 60 -26.55 9.42 16.70
N ARG B 61 -26.68 9.48 15.37
CA ARG B 61 -26.38 8.28 14.60
C ARG B 61 -24.90 7.94 14.61
N ALA B 62 -24.01 8.94 14.73
CA ALA B 62 -22.58 8.64 14.83
C ALA B 62 -22.26 7.73 16.01
N ASN B 63 -23.07 7.79 17.08
CA ASN B 63 -22.87 6.95 18.25
C ASN B 63 -23.85 5.80 18.36
N GLN B 64 -24.61 5.53 17.31
CA GLN B 64 -25.54 4.40 17.29
C GLN B 64 -24.79 3.15 16.88
N ALA B 65 -24.92 2.07 17.65
CA ALA B 65 -24.11 0.88 17.41
C ALA B 65 -24.88 -0.10 16.53
N PHE B 66 -24.22 -0.60 15.48
CA PHE B 66 -24.77 -1.55 14.53
C PHE B 66 -23.87 -2.78 14.47
N LEU B 67 -24.38 -3.84 13.85
CA LEU B 67 -23.54 -4.99 13.52
C LEU B 67 -22.40 -4.55 12.61
N PRO B 68 -21.17 -5.00 12.87
CA PRO B 68 -20.06 -4.58 12.00
C PRO B 68 -20.09 -5.26 10.64
N ALA B 69 -20.71 -6.45 10.53
CA ALA B 69 -20.73 -7.27 9.32
C ALA B 69 -19.30 -7.37 8.77
N SER B 70 -19.07 -7.13 7.47
CA SER B 70 -17.77 -7.38 6.85
C SER B 70 -16.67 -6.44 7.35
N THR B 71 -17.01 -5.31 7.99
CA THR B 71 -15.92 -4.53 8.58
C THR B 71 -15.26 -5.27 9.73
N PHE B 72 -15.89 -6.32 10.23
CA PHE B 72 -15.25 -7.16 11.23
C PHE B 72 -14.02 -7.86 10.69
N LYS B 73 -13.86 -7.92 9.36
CA LYS B 73 -12.67 -8.55 8.80
C LYS B 73 -11.39 -7.88 9.28
N ILE B 74 -11.45 -6.63 9.72
CA ILE B 74 -10.24 -5.94 10.18
C ILE B 74 -9.78 -6.55 11.50
N PRO B 75 -10.58 -6.51 12.59
CA PRO B 75 -10.09 -7.17 13.83
C PRO B 75 -9.89 -8.66 13.66
N ASN B 76 -10.73 -9.32 12.87
CA ASN B 76 -10.60 -10.76 12.67
C ASN B 76 -9.26 -11.10 12.02
N SER B 77 -8.85 -10.34 10.99
CA SER B 77 -7.53 -10.52 10.38
C SER B 77 -6.42 -10.36 11.41
N LEU B 78 -6.50 -9.31 12.22
CA LEU B 78 -5.44 -9.03 13.19
C LEU B 78 -5.27 -10.17 14.17
N ILE B 79 -6.40 -10.68 14.68
CA ILE B 79 -6.33 -11.75 15.66
C ILE B 79 -5.81 -13.02 15.02
N ALA B 80 -6.29 -13.35 13.82
CA ALA B 80 -5.80 -14.53 13.11
C ALA B 80 -4.30 -14.47 12.90
N LEU B 81 -3.77 -13.31 12.50
CA LEU B 81 -2.34 -13.15 12.29
C LEU B 81 -1.56 -13.25 13.59
N ASP B 82 -2.06 -12.61 14.64
CA ASP B 82 -1.30 -12.58 15.89
C ASP B 82 -1.21 -13.97 16.50
N LEU B 83 -2.28 -14.75 16.39
CA LEU B 83 -2.26 -16.12 16.90
C LEU B 83 -1.60 -17.12 15.95
N GLY B 84 -1.26 -16.73 14.73
CA GLY B 84 -0.63 -17.67 13.81
C GLY B 84 -1.59 -18.53 13.01
N VAL B 85 -2.90 -18.34 13.20
CA VAL B 85 -3.89 -18.96 12.31
C VAL B 85 -3.58 -18.59 10.87
N VAL B 86 -3.14 -17.36 10.63
CA VAL B 86 -2.65 -16.91 9.34
C VAL B 86 -1.16 -16.60 9.50
N LYS B 87 -0.33 -17.32 8.74
CA LYS B 87 1.13 -17.16 8.88
C LYS B 87 1.60 -15.85 8.27
N ASP B 88 1.12 -15.51 7.08
CA ASP B 88 1.42 -14.24 6.43
C ASP B 88 0.38 -14.00 5.34
N GLU B 89 0.57 -12.94 4.58
CA GLU B 89 -0.40 -12.52 3.58
C GLU B 89 -0.33 -13.32 2.29
N HIS B 90 0.58 -14.30 2.18
CA HIS B 90 0.69 -15.18 1.02
C HIS B 90 0.09 -16.56 1.25
N GLN B 91 -0.16 -16.94 2.51
CA GLN B 91 -0.71 -18.25 2.81
C GLN B 91 -2.00 -18.48 2.05
N VAL B 92 -2.12 -19.64 1.41
CA VAL B 92 -3.29 -19.94 0.59
C VAL B 92 -4.33 -20.64 1.45
N PHE B 93 -5.56 -20.13 1.42
CA PHE B 93 -6.66 -20.74 2.15
C PHE B 93 -7.57 -21.39 1.13
N LYS B 94 -7.61 -22.71 1.13
CA LYS B 94 -8.27 -23.43 0.04
C LYS B 94 -9.78 -23.26 0.12
N TRP B 95 -10.40 -23.10 -1.04
CA TRP B 95 -11.85 -23.10 -1.12
C TRP B 95 -12.40 -24.39 -0.52
N ASP B 96 -13.39 -24.27 0.37
CA ASP B 96 -13.96 -25.44 1.05
C ASP B 96 -14.87 -26.27 0.15
N GLY B 97 -14.96 -25.94 -1.14
CA GLY B 97 -15.72 -26.76 -2.07
C GLY B 97 -17.22 -26.54 -2.09
N GLN B 98 -17.76 -25.63 -1.27
CA GLN B 98 -19.17 -25.23 -1.37
C GLN B 98 -19.31 -24.11 -2.38
N THR B 99 -20.16 -24.30 -3.37
CA THR B 99 -20.39 -23.23 -4.33
C THR B 99 -21.36 -22.25 -3.71
N ARG B 100 -20.96 -20.99 -3.63
CA ARG B 100 -21.78 -19.94 -3.04
C ARG B 100 -22.11 -18.90 -4.11
N ASP B 101 -23.01 -17.98 -3.74
CA ASP B 101 -23.61 -17.08 -4.71
C ASP B 101 -22.58 -16.14 -5.33
N ILE B 102 -21.66 -15.61 -4.53
CA ILE B 102 -20.65 -14.69 -5.07
C ILE B 102 -19.53 -15.53 -5.68
N ALA B 103 -19.39 -15.46 -7.01
CA ALA B 103 -18.49 -16.36 -7.72
C ALA B 103 -17.04 -16.21 -7.25
N THR B 104 -16.61 -14.99 -6.92
CA THR B 104 -15.21 -14.78 -6.53
C THR B 104 -14.88 -15.50 -5.23
N TRP B 105 -15.89 -15.94 -4.49
CA TRP B 105 -15.67 -16.71 -3.26
C TRP B 105 -15.33 -18.17 -3.53
N ASN B 106 -15.63 -18.68 -4.72
CA ASN B 106 -15.50 -20.10 -5.02
C ASN B 106 -14.15 -20.43 -5.63
N ARG B 107 -13.09 -19.98 -4.96
CA ARG B 107 -11.72 -20.18 -5.42
C ARG B 107 -10.80 -20.03 -4.21
N ASP B 108 -9.53 -20.42 -4.38
CA ASP B 108 -8.57 -20.26 -3.30
C ASP B 108 -8.22 -18.78 -3.14
N HIS B 109 -7.86 -18.39 -1.92
CA HIS B 109 -7.57 -17.00 -1.58
C HIS B 109 -6.38 -16.92 -0.62
N ASN B 110 -5.73 -15.77 -0.60
CA ASN B 110 -4.84 -15.40 0.49
C ASN B 110 -5.46 -14.20 1.22
N LEU B 111 -4.71 -13.61 2.15
CA LEU B 111 -5.29 -12.54 2.96
C LEU B 111 -5.62 -11.32 2.12
N ILE B 112 -4.75 -10.98 1.15
CA ILE B 112 -5.00 -9.81 0.32
C ILE B 112 -6.28 -9.97 -0.49
N THR B 113 -6.43 -11.11 -1.17
CA THR B 113 -7.63 -11.25 -2.00
C THR B 113 -8.87 -11.57 -1.19
N ALA B 114 -8.75 -12.23 -0.03
CA ALA B 114 -9.92 -12.45 0.81
C ALA B 114 -10.48 -11.15 1.38
N MET B 115 -9.58 -10.20 1.70
CA MET B 115 -9.97 -8.84 2.03
C MET B 115 -10.63 -8.13 0.86
N LYS B 116 -9.98 -8.18 -0.30
CA LYS B 116 -10.45 -7.43 -1.46
C LYS B 116 -11.82 -7.88 -1.91
N TYR B 117 -12.07 -9.19 -1.91
CA TYR B 117 -13.35 -9.73 -2.33
C TYR B 117 -14.27 -10.04 -1.15
N SER B 118 -13.86 -9.63 0.06
CA SER B 118 -14.63 -9.80 1.30
C SER B 118 -15.18 -11.22 1.43
N VAL B 119 -14.27 -12.19 1.40
CA VAL B 119 -14.65 -13.60 1.32
C VAL B 119 -15.04 -14.14 2.68
N VAL B 120 -16.35 -14.12 2.98
CA VAL B 120 -16.83 -14.47 4.31
C VAL B 120 -16.41 -15.87 4.75
N PRO B 121 -16.52 -16.92 3.93
CA PRO B 121 -16.20 -18.28 4.43
C PRO B 121 -14.77 -18.42 4.94
N VAL B 122 -13.83 -17.71 4.34
CA VAL B 122 -12.45 -17.73 4.81
C VAL B 122 -12.37 -17.18 6.23
N TYR B 123 -13.09 -16.06 6.47
CA TYR B 123 -13.08 -15.44 7.79
C TYR B 123 -13.90 -16.19 8.82
N GLN B 124 -14.94 -16.91 8.38
CA GLN B 124 -15.63 -17.78 9.34
C GLN B 124 -14.73 -18.90 9.80
N GLU B 125 -13.88 -19.43 8.91
CA GLU B 125 -12.93 -20.46 9.33
C GLU B 125 -11.87 -19.89 10.27
N PHE B 126 -11.36 -18.68 10.01
CA PHE B 126 -10.46 -18.03 10.97
C PHE B 126 -11.10 -17.99 12.34
N ALA B 127 -12.36 -17.57 12.42
CA ALA B 127 -13.01 -17.40 13.70
C ALA B 127 -13.16 -18.73 14.43
N ARG B 128 -13.44 -19.81 13.71
CA ARG B 128 -13.55 -21.11 14.35
C ARG B 128 -12.20 -21.55 14.93
N GLN B 129 -11.11 -21.22 14.22
CA GLN B 129 -9.78 -21.60 14.64
C GLN B 129 -9.29 -20.74 15.81
N ILE B 130 -9.61 -19.44 15.79
CA ILE B 130 -9.37 -18.58 16.94
C ILE B 130 -10.11 -19.09 18.17
N GLY B 131 -11.40 -19.38 18.01
CA GLY B 131 -12.22 -19.91 19.10
C GLY B 131 -12.82 -18.82 19.97
N GLU B 132 -13.90 -19.20 20.66
CA GLU B 132 -14.68 -18.25 21.46
C GLU B 132 -13.82 -17.55 22.52
N ALA B 133 -13.04 -18.33 23.26
CA ALA B 133 -12.32 -17.77 24.41
C ALA B 133 -11.33 -16.71 23.97
N ARG B 134 -10.48 -17.04 22.99
CA ARG B 134 -9.47 -16.11 22.52
C ARG B 134 -10.10 -14.94 21.77
N MET B 135 -11.17 -15.19 21.00
CA MET B 135 -11.85 -14.09 20.31
C MET B 135 -12.36 -13.07 21.32
N SER B 136 -13.04 -13.55 22.36
CA SER B 136 -13.60 -12.65 23.35
C SER B 136 -12.50 -11.89 24.08
N LYS B 137 -11.44 -12.60 24.49
CA LYS B 137 -10.34 -11.90 25.16
C LYS B 137 -9.74 -10.82 24.27
N MET B 138 -9.60 -11.08 22.97
CA MET B 138 -8.92 -10.11 22.12
C MET B 138 -9.80 -8.89 21.83
N LEU B 139 -11.11 -9.10 21.65
CA LEU B 139 -11.99 -7.96 21.44
C LEU B 139 -12.04 -7.06 22.67
N HIS B 140 -11.99 -7.66 23.86
CA HIS B 140 -11.85 -6.85 25.07
C HIS B 140 -10.53 -6.10 25.08
N ALA B 141 -9.42 -6.75 24.68
CA ALA B 141 -8.15 -6.04 24.59
C ALA B 141 -8.20 -4.93 23.53
N PHE B 142 -8.94 -5.14 22.44
CA PHE B 142 -9.06 -4.12 21.42
C PHE B 142 -10.00 -3.00 21.80
N ASP B 143 -10.84 -3.20 22.83
CA ASP B 143 -11.88 -2.23 23.16
C ASP B 143 -12.84 -2.05 22.00
N TYR B 144 -13.15 -3.15 21.31
CA TYR B 144 -13.85 -3.11 20.03
C TYR B 144 -15.36 -3.13 20.27
N GLY B 145 -16.03 -2.02 19.95
CA GLY B 145 -17.47 -1.97 20.12
C GLY B 145 -17.91 -2.34 21.52
N ASN B 146 -18.97 -3.14 21.61
CA ASN B 146 -19.49 -3.58 22.89
C ASN B 146 -18.83 -4.87 23.40
N GLU B 147 -17.86 -5.41 22.67
CA GLU B 147 -17.06 -6.57 23.07
C GLU B 147 -17.90 -7.80 23.39
N ASP B 148 -19.08 -7.91 22.80
CA ASP B 148 -20.02 -9.00 23.06
C ASP B 148 -20.03 -9.93 21.84
N ILE B 149 -19.56 -11.15 22.03
CA ILE B 149 -19.50 -12.11 20.93
C ILE B 149 -20.59 -13.18 21.05
N SER B 150 -21.68 -12.88 21.77
CA SER B 150 -22.75 -13.85 21.90
C SER B 150 -23.30 -14.22 20.52
N GLY B 151 -23.68 -15.47 20.38
CA GLY B 151 -24.06 -16.03 19.10
C GLY B 151 -23.07 -17.12 18.69
N ASN B 152 -23.20 -17.55 17.44
CA ASN B 152 -22.28 -18.54 16.90
C ASN B 152 -20.88 -17.97 16.79
N VAL B 153 -19.87 -18.81 17.07
CA VAL B 153 -18.47 -18.36 16.98
C VAL B 153 -18.12 -17.89 15.57
N ASP B 154 -18.80 -18.43 14.55
CA ASP B 154 -18.46 -18.14 13.16
C ASP B 154 -19.47 -17.23 12.48
N SER B 155 -20.33 -16.55 13.24
CA SER B 155 -21.24 -15.60 12.61
C SER B 155 -21.72 -14.48 13.54
N PHE B 156 -21.11 -14.35 14.72
CA PHE B 156 -21.61 -13.40 15.70
C PHE B 156 -21.49 -11.96 15.21
N TRP B 157 -20.54 -11.67 14.31
CA TRP B 157 -20.46 -10.33 13.72
C TRP B 157 -21.47 -10.13 12.59
N LEU B 158 -22.22 -11.16 12.23
CA LEU B 158 -23.25 -11.08 11.19
C LEU B 158 -24.66 -11.12 11.74
N ASP B 159 -24.89 -11.93 12.79
CA ASP B 159 -26.23 -12.02 13.37
C ASP B 159 -26.19 -12.23 14.89
N GLY B 160 -25.07 -11.94 15.54
CA GLY B 160 -24.91 -12.13 16.96
C GLY B 160 -25.07 -10.84 17.75
N GLY B 161 -24.37 -10.77 18.88
CA GLY B 161 -24.53 -9.69 19.85
C GLY B 161 -23.58 -8.51 19.70
N ILE B 162 -22.58 -8.62 18.83
CA ILE B 162 -21.58 -7.55 18.74
C ILE B 162 -22.19 -6.36 18.02
N ARG B 163 -21.88 -5.17 18.53
CA ARG B 163 -22.36 -3.90 17.99
C ARG B 163 -21.23 -2.89 18.10
N ILE B 164 -21.09 -2.05 17.09
CA ILE B 164 -20.08 -0.99 17.10
C ILE B 164 -20.67 0.24 16.40
N SER B 165 -20.36 1.42 16.93
CA SER B 165 -20.80 2.67 16.32
C SER B 165 -19.73 3.21 15.36
N ALA B 166 -20.14 4.19 14.53
CA ALA B 166 -19.16 4.85 13.66
C ALA B 166 -18.04 5.51 14.45
N THR B 167 -18.37 6.21 15.54
CA THR B 167 -17.30 6.82 16.34
C THR B 167 -16.41 5.77 16.99
N GLU B 168 -16.97 4.60 17.36
CA GLU B 168 -16.12 3.52 17.89
C GLU B 168 -15.24 2.90 16.81
N GLN B 169 -15.74 2.80 15.57
CA GLN B 169 -14.90 2.38 14.46
C GLN B 169 -13.69 3.30 14.32
N ILE B 170 -13.90 4.62 14.39
CA ILE B 170 -12.79 5.57 14.33
C ILE B 170 -11.78 5.29 15.44
N SER B 171 -12.24 5.17 16.69
CA SER B 171 -11.30 4.97 17.80
C SER B 171 -10.46 3.71 17.59
N PHE B 172 -11.10 2.63 17.10
CA PHE B 172 -10.37 1.39 16.83
C PHE B 172 -9.37 1.59 15.70
N LEU B 173 -9.80 2.22 14.60
CA LEU B 173 -8.88 2.43 13.48
C LEU B 173 -7.71 3.33 13.84
N ARG B 174 -7.94 4.35 14.69
CA ARG B 174 -6.85 5.21 15.13
C ARG B 174 -5.77 4.38 15.81
N LYS B 175 -6.17 3.42 16.67
CA LYS B 175 -5.16 2.59 17.33
C LYS B 175 -4.41 1.73 16.33
N LEU B 176 -5.14 1.11 15.38
CA LEU B 176 -4.47 0.33 14.33
C LEU B 176 -3.48 1.18 13.53
N TYR B 177 -3.89 2.40 13.16
CA TYR B 177 -2.98 3.26 12.41
C TYR B 177 -1.67 3.47 13.17
N HIS B 178 -1.76 3.66 14.49
CA HIS B 178 -0.58 3.95 15.30
C HIS B 178 0.07 2.72 15.90
N ASN B 179 -0.27 1.51 15.42
CA ASN B 179 0.29 0.27 15.94
C ASN B 179 0.15 0.16 17.46
N LYS B 180 -1.00 0.59 18.00
CA LYS B 180 -1.18 0.55 19.45
C LYS B 180 -2.15 -0.50 19.93
N LEU B 181 -2.69 -1.34 19.03
CA LEU B 181 -3.46 -2.48 19.46
C LEU B 181 -2.53 -3.52 20.09
N HIS B 182 -3.10 -4.33 20.99
CA HIS B 182 -2.32 -5.29 21.79
C HIS B 182 -2.09 -6.58 20.98
N VAL B 183 -1.52 -6.40 19.80
CA VAL B 183 -1.04 -7.47 18.95
C VAL B 183 0.31 -7.01 18.42
N SER B 184 1.01 -7.92 17.75
CA SER B 184 2.34 -7.58 17.27
C SER B 184 2.25 -6.41 16.28
N GLU B 185 3.32 -5.63 16.23
CA GLU B 185 3.42 -4.62 15.18
C GLU B 185 3.28 -5.25 13.80
N ARG B 186 3.86 -6.44 13.64
CA ARG B 186 3.82 -7.08 12.32
C ARG B 186 2.39 -7.37 11.89
N SER B 187 1.55 -7.85 12.82
CA SER B 187 0.16 -8.16 12.49
C SER B 187 -0.55 -6.91 12.02
N GLN B 188 -0.27 -5.78 12.66
CA GLN B 188 -0.91 -4.53 12.33
C GLN B 188 -0.44 -4.03 10.97
N ARG B 189 0.85 -4.20 10.65
CA ARG B 189 1.35 -3.77 9.36
C ARG B 189 0.75 -4.58 8.23
N ILE B 190 0.62 -5.89 8.42
CA ILE B 190 0.03 -6.73 7.37
C ILE B 190 -1.42 -6.37 7.13
N VAL B 191 -2.21 -6.19 8.20
CA VAL B 191 -3.62 -5.86 8.00
C VAL B 191 -3.77 -4.52 7.29
N LYS B 192 -2.92 -3.55 7.63
CA LYS B 192 -3.02 -2.24 6.95
C LYS B 192 -2.65 -2.36 5.47
N GLN B 193 -1.69 -3.22 5.14
CA GLN B 193 -1.43 -3.54 3.74
C GLN B 193 -2.67 -4.12 3.07
N ALA B 194 -3.31 -5.09 3.73
CA ALA B 194 -4.49 -5.75 3.15
C ALA B 194 -5.69 -4.82 3.01
N MET B 195 -5.73 -3.73 3.77
CA MET B 195 -6.81 -2.74 3.70
C MET B 195 -6.66 -1.78 2.52
N LEU B 196 -5.53 -1.83 1.82
CA LEU B 196 -5.31 -0.88 0.73
C LEU B 196 -6.41 -0.97 -0.32
N THR B 197 -7.02 0.19 -0.62
CA THR B 197 -8.14 0.29 -1.53
C THR B 197 -7.83 1.15 -2.75
N GLU B 198 -7.21 2.31 -2.54
CA GLU B 198 -6.91 3.24 -3.62
C GLU B 198 -5.65 4.02 -3.27
N ALA B 199 -4.79 4.24 -4.26
CA ALA B 199 -3.61 5.07 -4.06
C ALA B 199 -3.34 5.83 -5.36
N ASN B 200 -3.09 7.13 -5.22
CA ASN B 200 -2.64 7.94 -6.34
C ASN B 200 -1.69 9.00 -5.80
N GLY B 201 -1.40 10.00 -6.62
CA GLY B 201 -0.45 11.01 -6.18
C GLY B 201 -1.01 11.98 -5.17
N ASP B 202 -2.30 11.92 -4.89
CA ASP B 202 -2.94 12.86 -4.00
C ASP B 202 -3.29 12.26 -2.64
N TYR B 203 -3.60 10.98 -2.58
CA TYR B 203 -4.01 10.37 -1.32
C TYR B 203 -3.90 8.85 -1.42
N ILE B 204 -3.95 8.21 -0.26
CA ILE B 204 -4.01 6.76 -0.10
C ILE B 204 -5.19 6.45 0.79
N ILE B 205 -6.08 5.56 0.37
CA ILE B 205 -7.21 5.10 1.17
C ILE B 205 -6.98 3.66 1.58
N ARG B 206 -7.04 3.41 2.89
CA ARG B 206 -7.08 2.07 3.45
C ARG B 206 -8.42 1.92 4.14
N ALA B 207 -9.20 0.90 3.78
CA ALA B 207 -10.61 0.93 4.18
C ALA B 207 -11.25 -0.45 4.00
N LYS B 208 -12.46 -0.59 4.54
CA LYS B 208 -13.25 -1.81 4.41
C LYS B 208 -14.71 -1.45 4.27
N THR B 209 -15.37 -1.98 3.25
CA THR B 209 -16.80 -1.85 3.11
C THR B 209 -17.54 -2.92 3.91
N GLY B 210 -18.82 -2.68 4.15
CA GLY B 210 -19.68 -3.68 4.74
C GLY B 210 -21.11 -3.49 4.30
N TYR B 211 -21.87 -4.58 4.40
CA TYR B 211 -23.29 -4.57 4.06
C TYR B 211 -23.95 -5.57 4.99
N SER B 212 -24.62 -5.08 6.03
CA SER B 212 -25.25 -5.92 7.03
C SER B 212 -26.70 -6.16 6.65
N THR B 213 -27.06 -7.44 6.46
CA THR B 213 -28.39 -7.80 5.98
C THR B 213 -29.16 -8.73 6.90
N ARG B 214 -28.50 -9.44 7.82
CA ARG B 214 -29.15 -10.53 8.54
C ARG B 214 -30.10 -10.02 9.63
N ILE B 215 -29.84 -8.85 10.18
CA ILE B 215 -30.64 -8.25 11.25
C ILE B 215 -30.96 -6.81 10.86
N GLU B 216 -32.20 -6.39 11.12
CA GLU B 216 -32.60 -5.02 10.85
C GLU B 216 -31.86 -4.04 11.77
N PRO B 217 -31.62 -2.81 11.30
CA PRO B 217 -31.89 -2.29 9.96
C PRO B 217 -30.77 -2.70 9.01
N LYS B 218 -31.07 -3.09 7.78
CA LYS B 218 -30.01 -3.33 6.82
C LYS B 218 -29.29 -2.02 6.53
N ILE B 219 -27.95 -2.04 6.65
CA ILE B 219 -27.13 -0.86 6.45
C ILE B 219 -25.89 -1.18 5.63
N GLY B 220 -25.34 -0.13 5.01
CA GLY B 220 -24.03 -0.18 4.41
C GLY B 220 -23.01 0.53 5.30
N TRP B 221 -21.76 0.03 5.28
CA TRP B 221 -20.64 0.60 6.00
C TRP B 221 -19.54 0.99 5.02
N TRP B 222 -18.78 2.04 5.37
CA TRP B 222 -17.42 2.19 4.85
C TRP B 222 -16.59 2.82 5.96
N VAL B 223 -15.52 2.15 6.37
CA VAL B 223 -14.68 2.66 7.44
C VAL B 223 -13.23 2.57 7.01
N GLY B 224 -12.42 3.53 7.44
CA GLY B 224 -11.02 3.51 7.02
C GLY B 224 -10.36 4.86 7.28
N TRP B 225 -9.37 5.17 6.46
CA TRP B 225 -8.75 6.49 6.55
C TRP B 225 -8.13 6.89 5.22
N VAL B 226 -7.92 8.20 5.10
CA VAL B 226 -7.24 8.83 3.98
C VAL B 226 -5.89 9.34 4.46
N GLU B 227 -4.80 8.82 3.86
CA GLU B 227 -3.44 9.32 4.11
C GLU B 227 -3.11 10.43 3.13
N LEU B 228 -2.81 11.61 3.67
CA LEU B 228 -2.30 12.75 2.91
C LEU B 228 -0.81 12.92 3.24
N ASP B 229 -0.16 13.84 2.56
CA ASP B 229 1.26 14.06 2.81
C ASP B 229 1.51 14.43 4.26
N ASP B 230 0.67 15.28 4.83
CA ASP B 230 0.94 15.88 6.13
C ASP B 230 -0.16 15.68 7.15
N ASN B 231 -1.10 14.78 6.92
CA ASN B 231 -2.19 14.54 7.85
C ASN B 231 -2.84 13.20 7.49
N VAL B 232 -3.64 12.70 8.42
CA VAL B 232 -4.49 11.54 8.17
C VAL B 232 -5.90 11.90 8.59
N TRP B 233 -6.87 11.59 7.72
CA TRP B 233 -8.27 11.78 8.03
C TRP B 233 -8.91 10.41 8.19
N PHE B 234 -9.39 10.09 9.39
CA PHE B 234 -10.12 8.85 9.59
C PHE B 234 -11.58 9.07 9.24
N PHE B 235 -12.23 8.02 8.72
CA PHE B 235 -13.65 8.14 8.40
C PHE B 235 -14.40 6.85 8.74
N ALA B 236 -15.67 7.01 9.04
CA ALA B 236 -16.55 5.89 9.28
C ALA B 236 -17.95 6.37 8.90
N MET B 237 -18.59 5.66 7.98
CA MET B 237 -19.93 6.02 7.56
C MET B 237 -20.80 4.78 7.59
N ASN B 238 -22.06 4.97 7.93
CA ASN B 238 -23.05 3.95 7.65
C ASN B 238 -24.33 4.61 7.18
N MET B 239 -25.10 3.85 6.43
CA MET B 239 -26.31 4.39 5.80
C MET B 239 -27.33 3.30 5.65
N ASP B 240 -28.61 3.69 5.67
CA ASP B 240 -29.67 2.72 5.42
C ASP B 240 -29.54 2.15 4.01
N MET B 241 -29.74 0.84 3.89
CA MET B 241 -29.46 0.10 2.66
C MET B 241 -30.56 -0.94 2.47
N PRO B 242 -31.79 -0.50 2.23
CA PRO B 242 -32.90 -1.46 2.14
C PRO B 242 -32.76 -2.43 0.99
N THR B 243 -32.05 -2.08 -0.08
CA THR B 243 -31.70 -3.00 -1.15
C THR B 243 -30.25 -2.79 -1.54
N SER B 244 -29.74 -3.69 -2.39
CA SER B 244 -28.34 -3.60 -2.81
C SER B 244 -28.11 -2.51 -3.86
N ASP B 245 -29.16 -1.98 -4.47
CA ASP B 245 -28.97 -1.00 -5.54
C ASP B 245 -28.23 0.24 -5.07
N GLY B 246 -28.26 0.54 -3.77
CA GLY B 246 -27.63 1.73 -3.26
C GLY B 246 -26.20 1.59 -2.79
N LEU B 247 -25.57 0.42 -3.01
CA LEU B 247 -24.29 0.13 -2.34
C LEU B 247 -23.18 1.10 -2.78
N GLY B 248 -23.22 1.57 -4.02
CA GLY B 248 -22.21 2.51 -4.49
C GLY B 248 -22.24 3.84 -3.76
N LEU B 249 -23.36 4.14 -3.08
CA LEU B 249 -23.46 5.39 -2.35
C LEU B 249 -22.55 5.45 -1.13
N ARG B 250 -22.16 4.29 -0.58
CA ARG B 250 -21.22 4.28 0.54
C ARG B 250 -19.95 5.07 0.22
N GLN B 251 -19.28 4.75 -0.89
CA GLN B 251 -18.08 5.49 -1.28
C GLN B 251 -18.43 6.86 -1.88
N ALA B 252 -19.50 6.94 -2.69
CA ALA B 252 -19.82 8.19 -3.37
C ALA B 252 -20.13 9.29 -2.37
N ILE B 253 -20.95 8.99 -1.35
CA ILE B 253 -21.32 10.02 -0.40
C ILE B 253 -20.12 10.41 0.47
N THR B 254 -19.33 9.42 0.92
CA THR B 254 -18.13 9.74 1.70
C THR B 254 -17.21 10.66 0.90
N LYS B 255 -16.96 10.34 -0.37
CA LYS B 255 -16.05 11.17 -1.15
C LYS B 255 -16.62 12.56 -1.42
N GLU B 256 -17.95 12.68 -1.56
CA GLU B 256 -18.58 14.00 -1.64
C GLU B 256 -18.22 14.84 -0.44
N VAL B 257 -18.30 14.25 0.75
CA VAL B 257 -17.95 14.96 1.97
C VAL B 257 -16.46 15.29 2.00
N LEU B 258 -15.61 14.32 1.65
CA LEU B 258 -14.17 14.58 1.65
C LEU B 258 -13.81 15.69 0.67
N LYS B 259 -14.44 15.70 -0.50
CA LYS B 259 -14.20 16.73 -1.50
C LYS B 259 -14.67 18.10 -1.01
N GLN B 260 -15.88 18.17 -0.45
CA GLN B 260 -16.39 19.45 0.03
C GLN B 260 -15.48 20.03 1.10
N GLU B 261 -14.89 19.16 1.92
CA GLU B 261 -13.99 19.59 2.98
C GLU B 261 -12.55 19.79 2.49
N LYS B 262 -12.32 19.72 1.18
CA LYS B 262 -10.98 19.93 0.60
C LYS B 262 -9.98 18.90 1.11
N ILE B 263 -10.46 17.73 1.52
CA ILE B 263 -9.53 16.69 1.95
C ILE B 263 -8.95 15.97 0.75
N ILE B 264 -9.76 15.72 -0.27
CA ILE B 264 -9.28 15.14 -1.52
C ILE B 264 -9.67 16.09 -2.65
N PRO B 265 -8.95 16.11 -3.78
CA PRO B 265 -9.37 16.93 -4.92
C PRO B 265 -10.57 16.32 -5.68
C1 Y33 C . 15.04 13.71 -10.18
C2 Y33 C . 13.56 13.41 -10.38
C3 Y33 C . 13.45 11.95 -10.05
N4 Y33 C . 14.44 11.58 -9.34
C5 Y33 C . 15.39 12.67 -9.11
C6 Y33 C . 16.79 12.09 -9.29
C7 Y33 C . 16.76 10.61 -8.96
C26 Y33 C . 15.19 13.30 -7.73
C31 Y33 C . 12.34 11.04 -10.27
C61 Y33 C . 17.83 12.80 -8.43
C62 Y33 C . 19.14 12.02 -8.51
O31 Y33 C . 12.08 10.22 -9.34
O32 Y33 C . 11.68 11.12 -11.31
O62 Y33 C . 17.98 14.12 -8.93
O7 Y33 C . 16.82 9.79 -9.87
C1A Y33 C . 12.40 15.56 -11.47
C1A Y33 C . 12.55 15.66 -11.80
C2A Y33 C . 11.54 15.43 -10.23
C2A Y33 C . 12.53 16.04 -10.32
C4A Y33 C . 11.47 16.17 -12.49
C4A Y33 C . 11.10 15.88 -12.17
C5A Y33 C . 10.06 15.84 -11.99
C5A Y33 C . 10.32 15.35 -10.98
C6A Y33 C . 9.26 15.05 -12.98
C6A Y33 C . 10.00 13.89 -11.27
C8A Y33 C . 8.19 14.82 -15.13
C8A Y33 C . 8.89 11.82 -10.75
C9A Y33 C . 8.96 17.02 -14.46
C9A Y33 C . 10.05 12.96 -8.94
N3A Y33 C . 10.23 15.04 -10.76
N3A Y33 C . 11.20 15.60 -9.82
N7A Y33 C . 8.84 15.61 -14.11
N7A Y33 C . 9.71 12.96 -10.36
O6A Y33 C . 8.98 13.88 -12.73
O6A Y33 C . 9.97 13.58 -12.45
S21 Y33 C . 12.87 13.94 -11.93
S21 Y33 C . 13.00 13.96 -11.99
CA CA D . 3.78 5.06 -26.64
CA CA E . 2.54 3.36 9.73
CD CD F . 1.21 4.01 -29.63
CL CL G . 18.74 9.69 -4.26
CL CL H . 0.80 -0.70 1.42
C1 Y33 I . -21.45 -8.31 1.09
C2 Y33 I . -20.91 -7.32 0.07
C3 Y33 I . -20.15 -6.38 0.94
N4 Y33 I . -19.71 -7.00 1.97
C5 Y33 I . -20.33 -8.32 2.14
C6 Y33 I . -20.88 -8.48 3.55
C7 Y33 I . -20.00 -7.73 4.52
C26 Y33 I . -19.33 -9.42 1.78
C31 Y33 I . -19.87 -4.94 0.76
C61 Y33 I . -21.01 -9.95 3.96
C62 Y33 I . -21.40 -10.08 5.43
O31 Y33 I . -20.19 -4.32 -0.28
O32 Y33 I . -19.31 -4.36 1.69
O62 Y33 I . -22.03 -10.57 3.18
O7 Y33 I . -20.42 -6.75 5.13
C1A Y33 I . -22.53 -7.77 -2.22
C1A Y33 I . -21.68 -6.62 -2.60
C2A Y33 I . -21.34 -8.70 -2.42
C2A Y33 I . -21.07 -7.98 -2.89
C4A Y33 I . -22.61 -7.01 -3.53
C4A Y33 I . -20.62 -5.58 -2.90
C5A Y33 I . -21.19 -6.96 -4.07
C5A Y33 I . -19.37 -6.31 -3.34
C6A Y33 I . -20.45 -5.77 -3.52
C6A Y33 I . -18.26 -5.89 -2.40
C8A Y33 I . -19.72 -3.49 -3.66
C8A Y33 I . -16.02 -6.41 -1.70
C9A Y33 I . -21.40 -4.31 -5.27
C9A Y33 I . -17.76 -8.01 -1.21
N3A Y33 I . -20.54 -8.19 -3.55
N3A Y33 I . -19.69 -7.76 -3.39
N7A Y33 I . -20.53 -4.60 -4.14
N7A Y33 I . -17.42 -6.75 -1.82
O6A Y33 I . -19.79 -5.86 -2.51
O6A Y33 I . -18.11 -4.70 -2.23
S21 Y33 I . -22.22 -6.63 -0.90
S21 Y33 I . -22.15 -6.52 -0.90
CA CA J . -13.33 -2.06 26.78
CD CD K . -14.28 1.75 25.21
CL CL L . -17.10 -11.10 7.23
CL CL M . -4.73 5.62 22.01
#